data_5JFE
#
_entry.id   5JFE
#
_cell.length_a   110.322
_cell.length_b   110.322
_cell.length_c   120.765
_cell.angle_alpha   90.000
_cell.angle_beta   90.000
_cell.angle_gamma   90.000
#
_symmetry.space_group_name_H-M   'I 41 2 2'
#
loop_
_entity.id
_entity.type
_entity.pdbx_description
1 polymer 'Thymidylate synthase ThyX'
2 non-polymer 'FLAVIN-ADENINE DINUCLEOTIDE'
3 non-polymer "2'-deoxy-5'-uridylic acid"
4 non-polymer 1,2-ETHANEDIOL
5 water water
#
_entity_poly.entity_id   1
_entity_poly.type   'polypeptide(L)'
_entity_poly.pdbx_seq_one_letter_code
;MGSDKIHHHHHHMKIDILDKGFVELVDVMGNDLSAVRAARVSFDMGLKDEERDRHLIEYLMKHGHETPFEHIVFTFHVKA
PIFVARQWFRHRIASYNELSGRYSKLSYEFYIPSPERLEGYKTTIPPERVTEKISEIVDKAYRTYLELIESGVPREVARI
VLPLNLYTRFFWTVNARSLMNFLNLRADSHAQWEIQQYALAIARIFKEKCPWTFEAFLKYAYKGDILKEVQV
;
_entity_poly.pdbx_strand_id   A
#
loop_
_chem_comp.id
_chem_comp.type
_chem_comp.name
_chem_comp.formula
EDO non-polymer 1,2-ETHANEDIOL 'C2 H6 O2'
FAD non-polymer 'FLAVIN-ADENINE DINUCLEOTIDE' 'C27 H33 N9 O15 P2'
UMC non-polymer '2'-deoxy-5'-uridylic acid' 'C9 H15 N2 O8 P'
#
# COMPACT_ATOMS: atom_id res chain seq x y z
N HIS A 12 5.81 -9.19 14.17
CA HIS A 12 5.54 -8.69 12.82
C HIS A 12 5.14 -7.22 12.82
N MET A 13 5.76 -6.41 11.94
CA MET A 13 5.50 -4.97 11.81
C MET A 13 4.06 -4.71 11.34
N LYS A 14 3.25 -4.08 12.21
CA LYS A 14 1.86 -3.69 11.98
C LYS A 14 1.67 -2.22 12.30
N ILE A 15 1.05 -1.46 11.38
CA ILE A 15 0.83 -0.03 11.54
C ILE A 15 -0.65 0.30 11.31
N ASP A 16 -1.26 1.06 12.24
CA ASP A 16 -2.64 1.55 12.13
C ASP A 16 -2.71 2.72 11.16
N ILE A 17 -3.72 2.73 10.26
CA ILE A 17 -3.88 3.77 9.26
C ILE A 17 -5.30 4.23 9.28
N LEU A 18 -5.55 5.54 9.11
CA LEU A 18 -6.90 6.11 9.09
C LEU A 18 -7.59 5.78 10.43
N ASP A 19 -8.92 5.62 10.46
CA ASP A 19 -9.62 5.34 11.71
C ASP A 19 -9.66 3.85 12.03
N LYS A 20 -9.76 2.96 11.01
CA LYS A 20 -9.87 1.52 11.26
C LYS A 20 -8.97 0.67 10.37
N GLY A 21 -8.14 1.28 9.54
CA GLY A 21 -7.30 0.48 8.65
C GLY A 21 -5.97 0.06 9.24
N PHE A 22 -5.19 -0.73 8.49
CA PHE A 22 -3.87 -1.15 8.91
C PHE A 22 -3.07 -1.62 7.72
N VAL A 23 -1.77 -1.73 7.92
CA VAL A 23 -0.76 -2.28 7.03
C VAL A 23 0.04 -3.23 7.89
N GLU A 24 0.16 -4.48 7.49
CA GLU A 24 0.93 -5.45 8.25
C GLU A 24 1.86 -6.22 7.34
N LEU A 25 3.12 -6.38 7.75
CA LEU A 25 4.06 -7.20 6.99
C LEU A 25 3.85 -8.64 7.39
N VAL A 26 3.51 -9.49 6.41
CA VAL A 26 3.23 -10.92 6.60
C VAL A 26 4.49 -11.74 6.41
N ASP A 27 5.26 -11.43 5.35
CA ASP A 27 6.44 -12.20 5.00
C ASP A 27 7.33 -11.37 4.11
N VAL A 28 8.59 -11.74 4.05
CA VAL A 28 9.59 -11.06 3.24
C VAL A 28 10.62 -12.11 2.79
N MET A 29 11.14 -11.95 1.57
CA MET A 29 12.22 -12.76 1.05
C MET A 29 13.32 -11.82 0.70
N GLY A 30 14.49 -12.07 1.25
CA GLY A 30 15.67 -11.29 0.94
C GLY A 30 15.83 -10.04 1.75
N ASN A 31 16.90 -9.33 1.44
CA ASN A 31 17.30 -8.10 2.11
C ASN A 31 18.20 -7.37 1.14
N ASP A 32 18.92 -6.32 1.60
CA ASP A 32 19.82 -5.54 0.76
C ASP A 32 20.83 -6.40 0.02
N LEU A 33 21.36 -7.44 0.70
CA LEU A 33 22.38 -8.32 0.15
C LEU A 33 21.81 -9.21 -0.97
N SER A 34 20.49 -9.46 -1.01
CA SER A 34 19.88 -10.24 -2.10
C SER A 34 20.06 -9.51 -3.41
N ALA A 35 19.96 -8.16 -3.38
CA ALA A 35 20.14 -7.32 -4.56
C ALA A 35 21.59 -7.31 -4.99
N VAL A 36 22.51 -7.42 -4.02
N VAL A 36 22.52 -7.01 -4.03
CA VAL A 36 23.94 -7.51 -4.27
CA VAL A 36 23.97 -6.87 -4.27
C VAL A 36 24.26 -8.90 -4.85
C VAL A 36 24.50 -8.02 -5.12
N ARG A 37 23.74 -9.99 -4.23
N ARG A 37 24.21 -9.27 -4.71
CA ARG A 37 24.03 -11.38 -4.66
CA ARG A 37 24.64 -10.48 -5.41
C ARG A 37 23.49 -11.64 -6.06
C ARG A 37 24.10 -10.53 -6.83
N ALA A 38 22.29 -11.12 -6.39
N ALA A 38 22.83 -10.05 -7.04
CA ALA A 38 21.69 -11.28 -7.71
CA ALA A 38 22.19 -10.04 -8.35
C ALA A 38 22.45 -10.49 -8.77
C ALA A 38 22.91 -9.07 -9.30
N ALA A 39 22.79 -9.21 -8.48
N ALA A 39 23.39 -7.93 -8.79
CA ALA A 39 23.50 -8.34 -9.43
CA ALA A 39 24.14 -6.98 -9.62
C ALA A 39 24.88 -8.92 -9.79
C ALA A 39 25.56 -7.47 -9.88
N ARG A 40 25.57 -9.53 -8.82
N ARG A 40 26.20 -8.07 -8.84
CA ARG A 40 26.88 -10.12 -9.08
CA ARG A 40 27.57 -8.63 -8.87
C ARG A 40 26.79 -11.59 -9.53
C ARG A 40 27.74 -9.67 -9.96
N VAL A 41 25.57 -12.22 -9.42
N VAL A 41 26.70 -10.50 -10.19
CA VAL A 41 25.33 -13.66 -9.69
CA VAL A 41 26.72 -11.59 -11.17
C VAL A 41 26.36 -14.45 -8.82
C VAL A 41 27.13 -11.08 -12.57
N SER A 42 26.42 -14.10 -7.52
N SER A 42 26.78 -9.84 -12.98
CA SER A 42 27.38 -14.65 -6.55
CA SER A 42 27.16 -9.28 -14.29
C SER A 42 27.14 -16.08 -6.15
C SER A 42 28.67 -9.39 -14.55
N PHE A 43 28.23 -16.84 -6.02
N PHE A 43 29.49 -8.94 -13.58
CA PHE A 43 28.21 -18.21 -5.49
CA PHE A 43 30.95 -8.92 -13.63
C PHE A 43 28.26 -18.17 -3.97
C PHE A 43 31.57 -10.21 -13.08
N ASP A 44 29.05 -17.24 -3.44
N ASP A 44 30.77 -11.31 -12.99
CA ASP A 44 29.29 -17.05 -2.01
CA ASP A 44 31.17 -12.64 -12.47
C ASP A 44 28.08 -16.39 -1.31
C ASP A 44 31.67 -12.51 -11.01
N MET A 45 27.78 -16.86 -0.09
N MET A 45 31.04 -11.62 -10.21
CA MET A 45 26.67 -16.38 0.74
CA MET A 45 31.40 -11.41 -8.80
C MET A 45 27.16 -16.01 2.15
C MET A 45 30.32 -11.97 -7.88
N GLU A 50 29.16 -3.35 4.99
CA GLU A 50 30.17 -3.43 3.94
C GLU A 50 30.11 -2.17 3.06
N GLU A 51 31.28 -1.55 2.86
CA GLU A 51 31.43 -0.33 2.08
C GLU A 51 31.17 -0.58 0.58
N ARG A 52 31.71 -1.69 0.02
CA ARG A 52 31.57 -1.98 -1.42
C ARG A 52 30.13 -2.38 -1.80
N ASP A 53 29.45 -3.21 -0.98
CA ASP A 53 28.07 -3.66 -1.19
C ASP A 53 27.11 -2.49 -1.16
N ARG A 54 27.32 -1.54 -0.22
CA ARG A 54 26.50 -0.34 -0.12
C ARG A 54 26.78 0.58 -1.32
N HIS A 55 28.05 0.66 -1.75
CA HIS A 55 28.43 1.45 -2.92
C HIS A 55 27.76 0.88 -4.19
N LEU A 56 27.70 -0.47 -4.32
CA LEU A 56 27.05 -1.11 -5.47
C LEU A 56 25.54 -0.78 -5.51
N ILE A 57 24.84 -0.83 -4.35
CA ILE A 57 23.41 -0.49 -4.25
C ILE A 57 23.19 0.95 -4.73
N GLU A 58 24.02 1.91 -4.26
CA GLU A 58 23.92 3.31 -4.66
C GLU A 58 24.16 3.47 -6.16
N TYR A 59 25.16 2.74 -6.73
CA TYR A 59 25.47 2.77 -8.16
C TYR A 59 24.26 2.28 -8.97
N LEU A 60 23.70 1.12 -8.60
CA LEU A 60 22.52 0.55 -9.27
C LEU A 60 21.35 1.54 -9.27
N MET A 61 21.08 2.14 -8.10
CA MET A 61 20.01 3.10 -7.87
C MET A 61 20.23 4.36 -8.72
N LYS A 62 21.43 4.95 -8.64
CA LYS A 62 21.88 6.15 -9.36
C LYS A 62 21.72 6.00 -10.89
N HIS A 63 22.05 4.82 -11.43
CA HIS A 63 22.05 4.61 -12.89
C HIS A 63 20.86 3.86 -13.46
N GLY A 64 19.81 3.64 -12.66
CA GLY A 64 18.61 2.98 -13.14
C GLY A 64 18.69 1.48 -13.39
N HIS A 65 19.69 0.79 -12.81
CA HIS A 65 19.80 -0.68 -12.93
C HIS A 65 18.96 -1.26 -11.78
N GLU A 66 17.64 -1.27 -11.98
N GLU A 66 17.63 -1.30 -11.94
CA GLU A 66 16.65 -1.62 -10.96
CA GLU A 66 16.77 -1.71 -10.83
C GLU A 66 16.31 -3.11 -10.87
C GLU A 66 16.31 -3.16 -10.84
N THR A 67 16.63 -3.94 -11.90
CA THR A 67 16.27 -5.39 -11.91
C THR A 67 16.83 -6.15 -10.66
N PRO A 68 18.05 -5.86 -10.12
CA PRO A 68 18.51 -6.59 -8.93
C PRO A 68 17.57 -6.49 -7.72
N PHE A 69 16.81 -5.38 -7.60
CA PHE A 69 15.88 -5.16 -6.48
C PHE A 69 14.59 -5.98 -6.62
N GLU A 70 14.39 -6.65 -7.77
CA GLU A 70 13.22 -7.50 -7.99
C GLU A 70 13.36 -8.81 -7.19
N HIS A 71 14.59 -9.13 -6.76
CA HIS A 71 14.87 -10.35 -5.99
C HIS A 71 14.52 -10.19 -4.48
N ILE A 72 14.06 -8.99 -4.08
CA ILE A 72 13.57 -8.70 -2.72
C ILE A 72 12.04 -8.66 -2.84
N VAL A 73 11.33 -9.53 -2.10
CA VAL A 73 9.88 -9.66 -2.25
C VAL A 73 9.20 -9.53 -0.88
N PHE A 74 8.07 -8.78 -0.83
CA PHE A 74 7.30 -8.58 0.40
C PHE A 74 5.87 -9.11 0.25
N THR A 75 5.26 -9.54 1.36
CA THR A 75 3.82 -9.87 1.41
C THR A 75 3.25 -9.06 2.54
N PHE A 76 2.26 -8.21 2.22
CA PHE A 76 1.56 -7.38 3.18
C PHE A 76 0.12 -7.82 3.30
N HIS A 77 -0.49 -7.52 4.43
CA HIS A 77 -1.91 -7.71 4.72
C HIS A 77 -2.41 -6.31 4.98
N VAL A 78 -3.34 -5.82 4.14
CA VAL A 78 -3.83 -4.45 4.18
C VAL A 78 -5.33 -4.41 4.42
N LYS A 79 -5.78 -3.50 5.29
CA LYS A 79 -7.19 -3.21 5.52
C LYS A 79 -7.36 -1.76 5.13
N ALA A 80 -8.15 -1.50 4.08
CA ALA A 80 -8.28 -0.15 3.55
C ALA A 80 -9.65 0.04 2.95
N PRO A 81 -10.18 1.28 2.85
CA PRO A 81 -11.48 1.48 2.19
C PRO A 81 -11.38 1.15 0.69
N ILE A 82 -12.50 0.77 0.08
CA ILE A 82 -12.50 0.40 -1.35
C ILE A 82 -11.93 1.50 -2.26
N PHE A 83 -12.25 2.79 -2.03
CA PHE A 83 -11.73 3.86 -2.93
C PHE A 83 -10.17 3.91 -2.87
N VAL A 84 -9.58 3.53 -1.72
CA VAL A 84 -8.11 3.44 -1.60
C VAL A 84 -7.63 2.18 -2.37
N ALA A 85 -8.28 1.03 -2.16
CA ALA A 85 -7.93 -0.23 -2.83
C ALA A 85 -8.04 -0.10 -4.36
N ARG A 86 -9.01 0.68 -4.89
CA ARG A 86 -9.16 0.85 -6.34
CA ARG A 86 -9.15 0.86 -6.33
C ARG A 86 -7.91 1.52 -6.92
N GLN A 87 -7.34 2.50 -6.22
CA GLN A 87 -6.12 3.17 -6.68
C GLN A 87 -4.94 2.19 -6.54
N TRP A 88 -4.86 1.53 -5.40
CA TRP A 88 -3.78 0.59 -5.12
C TRP A 88 -3.71 -0.57 -6.14
N PHE A 89 -4.88 -1.14 -6.51
CA PHE A 89 -4.97 -2.29 -7.41
C PHE A 89 -4.62 -1.93 -8.86
N ARG A 90 -4.38 -0.65 -9.17
CA ARG A 90 -3.94 -0.22 -10.51
C ARG A 90 -2.46 -0.61 -10.72
N HIS A 91 -1.73 -0.96 -9.62
CA HIS A 91 -0.33 -1.40 -9.68
C HIS A 91 -0.34 -2.86 -10.09
N ARG A 92 -0.26 -3.09 -11.40
CA ARG A 92 -0.35 -4.42 -12.04
C ARG A 92 0.86 -5.32 -11.77
N ILE A 93 2.03 -4.76 -11.46
CA ILE A 93 3.24 -5.59 -11.27
C ILE A 93 3.32 -5.97 -9.78
N ALA A 94 2.41 -6.84 -9.41
CA ALA A 94 2.20 -7.33 -8.05
C ALA A 94 1.11 -8.36 -8.08
N SER A 95 0.84 -8.98 -6.91
CA SER A 95 -0.17 -10.01 -6.71
C SER A 95 -1.12 -9.59 -5.65
N TYR A 96 -2.43 -9.86 -5.86
CA TYR A 96 -3.50 -9.48 -4.93
C TYR A 96 -4.44 -10.64 -4.66
N ASN A 97 -4.95 -10.71 -3.43
CA ASN A 97 -6.05 -11.59 -3.05
C ASN A 97 -6.88 -10.81 -2.05
N GLU A 98 -8.12 -10.54 -2.41
CA GLU A 98 -9.02 -9.68 -1.64
C GLU A 98 -10.32 -10.40 -1.23
N LEU A 99 -10.92 -9.94 -0.11
CA LEU A 99 -12.23 -10.34 0.40
C LEU A 99 -13.25 -10.15 -0.69
N SER A 100 -14.25 -11.03 -0.78
CA SER A 100 -15.25 -10.96 -1.83
C SER A 100 -16.66 -10.63 -1.30
N GLY A 101 -17.32 -9.66 -1.94
CA GLY A 101 -18.70 -9.27 -1.67
C GLY A 101 -19.68 -10.22 -2.34
N ARG A 102 -19.20 -11.05 -3.28
CA ARG A 102 -20.01 -12.09 -3.91
C ARG A 102 -20.17 -13.28 -2.99
N TYR A 103 -19.06 -13.66 -2.31
CA TYR A 103 -18.97 -14.87 -1.51
C TYR A 103 -19.10 -14.66 0.01
N SER A 104 -18.99 -13.45 0.52
CA SER A 104 -19.13 -13.32 1.97
C SER A 104 -20.02 -12.13 2.32
N LYS A 105 -20.61 -12.17 3.52
CA LYS A 105 -21.38 -11.05 4.04
C LYS A 105 -20.36 -10.00 4.47
N LEU A 106 -20.51 -8.77 4.01
CA LEU A 106 -19.53 -7.71 4.29
C LEU A 106 -19.78 -7.07 5.63
N SER A 107 -18.70 -6.71 6.33
CA SER A 107 -18.73 -6.14 7.67
C SER A 107 -19.11 -4.67 7.69
N TYR A 108 -19.74 -4.26 8.79
CA TYR A 108 -20.15 -2.86 9.00
C TYR A 108 -18.91 -2.11 9.49
N GLU A 109 -18.08 -1.68 8.55
CA GLU A 109 -16.84 -0.97 8.85
C GLU A 109 -16.58 -0.02 7.71
N PHE A 110 -16.67 1.28 8.01
CA PHE A 110 -16.52 2.35 7.02
C PHE A 110 -15.50 3.36 7.45
N TYR A 111 -14.83 3.98 6.47
CA TYR A 111 -13.91 5.06 6.74
C TYR A 111 -14.71 6.35 6.89
N ILE A 112 -14.61 6.95 8.09
CA ILE A 112 -15.26 8.23 8.36
C ILE A 112 -14.12 9.25 8.51
N PRO A 113 -14.00 10.25 7.60
CA PRO A 113 -12.89 11.20 7.73
C PRO A 113 -12.91 11.96 9.06
N SER A 114 -11.74 12.28 9.62
CA SER A 114 -11.66 13.09 10.84
C SER A 114 -12.06 14.54 10.48
N PRO A 115 -12.52 15.42 11.41
CA PRO A 115 -12.83 16.81 10.98
C PRO A 115 -11.60 17.53 10.41
N GLU A 116 -10.39 17.13 10.87
CA GLU A 116 -9.06 17.60 10.42
C GLU A 116 -8.78 17.30 8.94
N ARG A 117 -9.52 16.33 8.32
CA ARG A 117 -9.36 15.99 6.90
C ARG A 117 -9.69 17.19 6.01
N LEU A 118 -10.54 18.10 6.47
CA LEU A 118 -10.96 19.26 5.68
C LEU A 118 -10.12 20.52 5.95
N GLU A 119 -8.98 20.40 6.69
CA GLU A 119 -8.07 21.53 6.96
C GLU A 119 -7.62 22.17 5.66
N GLY A 120 -7.74 23.50 5.58
CA GLY A 120 -7.37 24.24 4.37
C GLY A 120 -8.53 24.44 3.41
N TYR A 121 -9.70 23.83 3.70
CA TYR A 121 -10.89 23.96 2.87
C TYR A 121 -11.97 24.75 3.58
N LYS A 122 -12.43 25.83 2.97
CA LYS A 122 -13.52 26.61 3.54
C LYS A 122 -14.83 25.90 3.15
N THR A 123 -15.58 25.44 4.15
CA THR A 123 -16.84 24.73 3.92
C THR A 123 -17.99 25.53 4.50
N THR A 124 -19.15 25.52 3.82
CA THR A 124 -20.32 26.27 4.27
C THR A 124 -21.17 25.42 5.25
N ILE A 125 -20.72 24.19 5.50
CA ILE A 125 -21.27 23.22 6.44
C ILE A 125 -20.12 22.98 7.44
N PRO A 126 -20.34 23.00 8.78
CA PRO A 126 -19.22 22.74 9.71
C PRO A 126 -18.57 21.37 9.47
N PRO A 127 -17.22 21.24 9.61
CA PRO A 127 -16.56 19.95 9.36
C PRO A 127 -17.11 18.79 10.19
N GLU A 128 -17.70 19.08 11.38
CA GLU A 128 -18.33 18.08 12.25
C GLU A 128 -19.62 17.58 11.63
N ARG A 129 -20.36 18.47 10.94
CA ARG A 129 -21.61 18.14 10.26
C ARG A 129 -21.31 17.33 8.96
N VAL A 130 -20.14 17.54 8.34
CA VAL A 130 -19.71 16.76 7.17
C VAL A 130 -19.55 15.29 7.64
N THR A 131 -18.83 15.09 8.75
CA THR A 131 -18.57 13.80 9.39
C THR A 131 -19.91 13.07 9.66
N GLU A 132 -20.87 13.79 10.22
CA GLU A 132 -22.22 13.36 10.57
C GLU A 132 -23.00 12.91 9.32
N LYS A 133 -22.98 13.71 8.24
CA LYS A 133 -23.70 13.40 7.00
C LYS A 133 -23.13 12.14 6.32
N ILE A 134 -21.81 11.95 6.38
CA ILE A 134 -21.13 10.77 5.83
C ILE A 134 -21.58 9.53 6.66
N SER A 135 -21.54 9.63 8.01
CA SER A 135 -21.99 8.52 8.87
C SER A 135 -23.44 8.15 8.62
N GLU A 136 -24.32 9.15 8.42
CA GLU A 136 -25.75 8.90 8.24
C GLU A 136 -26.04 8.14 6.97
N ILE A 137 -25.43 8.53 5.85
CA ILE A 137 -25.68 7.84 4.59
C ILE A 137 -25.07 6.41 4.59
N VAL A 138 -23.87 6.21 5.19
CA VAL A 138 -23.30 4.84 5.20
C VAL A 138 -24.16 3.91 6.11
N ASP A 139 -24.77 4.45 7.18
CA ASP A 139 -25.67 3.67 8.05
C ASP A 139 -26.94 3.26 7.29
N LYS A 140 -27.53 4.18 6.53
CA LYS A 140 -28.73 3.88 5.72
C LYS A 140 -28.40 2.87 4.60
N ALA A 141 -27.22 3.02 3.95
CA ALA A 141 -26.82 2.10 2.88
C ALA A 141 -26.58 0.71 3.45
N TYR A 142 -25.90 0.63 4.61
CA TYR A 142 -25.63 -0.68 5.21
C TYR A 142 -26.96 -1.34 5.66
N ARG A 143 -27.91 -0.54 6.20
CA ARG A 143 -29.23 -1.06 6.59
C ARG A 143 -29.97 -1.62 5.37
N THR A 144 -29.92 -0.91 4.22
CA THR A 144 -30.56 -1.39 2.97
C THR A 144 -29.88 -2.71 2.53
N TYR A 145 -28.54 -2.75 2.57
CA TYR A 145 -27.77 -3.96 2.23
C TYR A 145 -28.25 -5.15 3.06
N LEU A 146 -28.34 -5.00 4.38
N LEU A 146 -28.35 -4.99 4.39
CA LEU A 146 -28.78 -6.07 5.28
CA LEU A 146 -28.82 -6.04 5.31
C LEU A 146 -30.24 -6.49 5.00
C LEU A 146 -30.24 -6.48 4.99
N GLU A 147 -31.15 -5.52 4.77
CA GLU A 147 -32.56 -5.79 4.44
C GLU A 147 -32.65 -6.61 3.15
N LEU A 148 -31.84 -6.27 2.13
CA LEU A 148 -31.82 -7.04 0.89
C LEU A 148 -31.32 -8.48 1.12
N ILE A 149 -30.18 -8.62 1.82
CA ILE A 149 -29.61 -9.93 2.17
C ILE A 149 -30.65 -10.79 2.91
N GLU A 150 -31.26 -10.21 3.93
CA GLU A 150 -32.20 -10.93 4.80
C GLU A 150 -33.52 -11.23 4.09
N SER A 151 -33.75 -10.62 2.91
CA SER A 151 -34.95 -10.90 2.13
C SER A 151 -34.67 -11.97 1.07
N GLY A 152 -33.43 -12.46 0.96
CA GLY A 152 -33.08 -13.50 0.01
C GLY A 152 -32.40 -13.01 -1.27
N VAL A 153 -32.15 -11.69 -1.37
CA VAL A 153 -31.43 -11.14 -2.52
C VAL A 153 -30.00 -11.70 -2.48
N PRO A 154 -29.43 -12.26 -3.58
CA PRO A 154 -28.05 -12.75 -3.51
C PRO A 154 -27.07 -11.65 -3.11
N ARG A 155 -26.03 -12.03 -2.36
N ARG A 155 -26.04 -12.01 -2.34
CA ARG A 155 -24.95 -11.18 -1.85
CA ARG A 155 -25.01 -11.10 -1.82
C ARG A 155 -24.35 -10.26 -2.89
C ARG A 155 -24.38 -10.23 -2.90
N GLU A 156 -24.04 -10.82 -4.08
CA GLU A 156 -23.38 -10.12 -5.18
C GLU A 156 -24.20 -8.96 -5.76
N VAL A 157 -25.54 -8.99 -5.54
CA VAL A 157 -26.47 -7.95 -5.97
C VAL A 157 -26.70 -7.00 -4.79
N ALA A 158 -26.97 -7.53 -3.58
CA ALA A 158 -27.26 -6.68 -2.40
C ALA A 158 -26.15 -5.67 -2.11
N ARG A 159 -24.88 -6.07 -2.29
CA ARG A 159 -23.73 -5.23 -1.97
C ARG A 159 -23.53 -4.03 -2.90
N ILE A 160 -24.30 -3.93 -3.97
CA ILE A 160 -24.08 -2.83 -4.94
C ILE A 160 -24.53 -1.47 -4.36
N VAL A 161 -25.29 -1.47 -3.24
CA VAL A 161 -25.75 -0.23 -2.60
C VAL A 161 -24.72 0.31 -1.59
N LEU A 162 -23.69 -0.49 -1.31
CA LEU A 162 -22.68 -0.11 -0.32
C LEU A 162 -21.73 0.95 -0.88
N PRO A 163 -21.36 1.95 -0.06
CA PRO A 163 -20.51 3.02 -0.56
C PRO A 163 -19.01 2.68 -0.59
N LEU A 164 -18.26 3.50 -1.32
CA LEU A 164 -16.83 3.36 -1.54
C LEU A 164 -15.96 3.49 -0.30
N ASN A 165 -16.48 4.04 0.85
CA ASN A 165 -15.65 4.12 2.06
C ASN A 165 -15.76 2.81 2.89
N LEU A 166 -16.45 1.77 2.35
CA LEU A 166 -16.49 0.46 3.02
C LEU A 166 -15.07 -0.11 3.10
N TYR A 167 -14.69 -0.65 4.27
CA TYR A 167 -13.37 -1.27 4.38
C TYR A 167 -13.34 -2.62 3.70
N THR A 168 -12.20 -2.90 3.07
CA THR A 168 -11.93 -4.18 2.45
C THR A 168 -10.58 -4.63 3.00
N ARG A 169 -10.17 -5.86 2.69
CA ARG A 169 -8.86 -6.37 3.10
C ARG A 169 -8.26 -7.18 1.99
N PHE A 170 -6.93 -7.17 1.88
CA PHE A 170 -6.25 -7.94 0.84
C PHE A 170 -4.81 -8.28 1.24
N PHE A 171 -4.29 -9.33 0.61
CA PHE A 171 -2.90 -9.73 0.65
C PHE A 171 -2.26 -9.14 -0.59
N TRP A 172 -1.07 -8.58 -0.43
CA TRP A 172 -0.34 -7.91 -1.50
C TRP A 172 1.08 -8.42 -1.52
N THR A 173 1.49 -9.10 -2.62
CA THR A 173 2.85 -9.57 -2.78
C THR A 173 3.48 -8.71 -3.87
N VAL A 174 4.58 -8.07 -3.53
CA VAL A 174 5.21 -7.11 -4.43
C VAL A 174 6.73 -7.13 -4.21
N ASN A 175 7.52 -6.99 -5.30
CA ASN A 175 8.98 -6.96 -5.15
C ASN A 175 9.44 -5.51 -4.91
N ALA A 176 10.71 -5.31 -4.47
CA ALA A 176 11.20 -3.99 -4.08
C ALA A 176 11.22 -2.99 -5.24
N ARG A 177 11.41 -3.44 -6.50
CA ARG A 177 11.39 -2.51 -7.63
C ARG A 177 9.96 -1.94 -7.83
N SER A 178 8.95 -2.82 -7.86
CA SER A 178 7.56 -2.35 -8.04
C SER A 178 7.11 -1.56 -6.80
N LEU A 179 7.64 -1.94 -5.63
CA LEU A 179 7.32 -1.20 -4.40
C LEU A 179 7.88 0.23 -4.49
N MET A 180 9.07 0.40 -5.07
CA MET A 180 9.67 1.74 -5.23
C MET A 180 8.86 2.59 -6.20
N ASN A 181 8.32 1.95 -7.26
CA ASN A 181 7.43 2.63 -8.19
C ASN A 181 6.14 3.07 -7.42
N PHE A 182 5.60 2.17 -6.59
CA PHE A 182 4.42 2.47 -5.79
C PHE A 182 4.75 3.68 -4.84
N LEU A 183 5.94 3.69 -4.22
CA LEU A 183 6.28 4.81 -3.33
C LEU A 183 6.49 6.12 -4.09
N ASN A 184 7.06 6.09 -5.32
CA ASN A 184 7.19 7.30 -6.13
C ASN A 184 5.84 7.95 -6.40
N LEU A 185 4.82 7.13 -6.68
CA LEU A 185 3.51 7.62 -7.09
C LEU A 185 2.57 7.87 -5.93
N ARG A 186 2.64 7.05 -4.86
CA ARG A 186 1.66 7.12 -3.75
C ARG A 186 2.20 7.83 -2.52
N ALA A 187 3.52 7.77 -2.25
CA ALA A 187 4.11 8.55 -1.13
C ALA A 187 4.48 9.89 -1.74
N ASP A 188 3.46 10.66 -2.13
CA ASP A 188 3.62 11.91 -2.85
C ASP A 188 2.37 12.74 -2.71
N SER A 189 2.52 14.08 -2.68
CA SER A 189 1.43 15.03 -2.45
C SER A 189 0.35 14.99 -3.55
N HIS A 190 0.67 14.50 -4.77
CA HIS A 190 -0.32 14.44 -5.86
C HIS A 190 -1.32 13.29 -5.65
N ALA A 191 -0.89 12.24 -4.91
CA ALA A 191 -1.73 11.07 -4.60
C ALA A 191 -2.77 11.49 -3.58
N GLN A 192 -3.92 10.80 -3.54
CA GLN A 192 -4.96 11.15 -2.54
C GLN A 192 -4.38 10.97 -1.13
N TRP A 193 -4.67 11.92 -0.22
CA TRP A 193 -4.16 11.89 1.17
C TRP A 193 -4.32 10.52 1.84
N GLU A 194 -5.49 9.88 1.71
CA GLU A 194 -5.73 8.57 2.34
C GLU A 194 -4.72 7.49 1.89
N ILE A 195 -4.40 7.38 0.58
CA ILE A 195 -3.42 6.36 0.13
C ILE A 195 -1.99 6.80 0.51
N GLN A 196 -1.74 8.13 0.58
CA GLN A 196 -0.44 8.64 1.07
C GLN A 196 -0.12 8.04 2.46
N GLN A 197 -1.13 7.97 3.34
N GLN A 197 -1.14 7.99 3.36
CA GLN A 197 -0.98 7.45 4.71
CA GLN A 197 -0.99 7.46 4.72
C GLN A 197 -0.58 5.97 4.69
C GLN A 197 -0.56 5.98 4.69
N TYR A 198 -1.14 5.19 3.75
CA TYR A 198 -0.75 3.77 3.59
C TYR A 198 0.69 3.67 3.02
N ALA A 199 1.03 4.55 2.06
CA ALA A 199 2.35 4.54 1.42
C ALA A 199 3.44 4.90 2.44
N LEU A 200 3.14 5.82 3.41
CA LEU A 200 4.08 6.19 4.48
C LEU A 200 4.40 4.97 5.35
N ALA A 201 3.39 4.14 5.63
CA ALA A 201 3.57 2.92 6.42
C ALA A 201 4.33 1.87 5.63
N ILE A 202 4.05 1.72 4.33
CA ILE A 202 4.78 0.79 3.46
C ILE A 202 6.27 1.21 3.46
N ALA A 203 6.54 2.53 3.34
CA ALA A 203 7.90 3.07 3.31
C ALA A 203 8.66 2.75 4.59
N ARG A 204 7.97 2.87 5.74
CA ARG A 204 8.51 2.58 7.07
C ARG A 204 8.93 1.12 7.14
N ILE A 205 8.11 0.20 6.62
CA ILE A 205 8.42 -1.22 6.64
C ILE A 205 9.59 -1.49 5.69
N PHE A 206 9.54 -0.87 4.51
CA PHE A 206 10.61 -1.05 3.50
C PHE A 206 11.98 -0.57 4.08
N LYS A 207 11.99 0.59 4.74
CA LYS A 207 13.21 1.14 5.36
C LYS A 207 13.80 0.19 6.41
N GLU A 208 12.95 -0.41 7.24
CA GLU A 208 13.37 -1.33 8.30
C GLU A 208 13.98 -2.61 7.72
N LYS A 209 13.37 -3.19 6.67
CA LYS A 209 13.86 -4.45 6.13
C LYS A 209 15.02 -4.31 5.15
N CYS A 210 15.12 -3.16 4.47
CA CYS A 210 16.14 -2.91 3.44
C CYS A 210 16.73 -1.54 3.65
N PRO A 211 17.50 -1.30 4.75
CA PRO A 211 18.00 0.09 5.00
C PRO A 211 18.85 0.68 3.89
N TRP A 212 19.80 -0.08 3.33
CA TRP A 212 20.67 0.47 2.28
C TRP A 212 19.90 0.79 1.01
N THR A 213 19.03 -0.14 0.55
CA THR A 213 18.20 0.10 -0.65
C THR A 213 17.32 1.33 -0.44
N PHE A 214 16.66 1.42 0.73
CA PHE A 214 15.77 2.56 1.01
C PHE A 214 16.52 3.90 1.00
N GLU A 215 17.68 3.97 1.68
CA GLU A 215 18.47 5.22 1.73
C GLU A 215 18.96 5.60 0.33
N ALA A 216 19.42 4.61 -0.46
CA ALA A 216 19.87 4.88 -1.84
C ALA A 216 18.70 5.33 -2.71
N PHE A 217 17.51 4.72 -2.50
CA PHE A 217 16.29 5.09 -3.23
C PHE A 217 15.95 6.56 -2.97
N LEU A 218 15.90 6.98 -1.71
CA LEU A 218 15.60 8.38 -1.36
C LEU A 218 16.60 9.38 -1.94
N LYS A 219 17.88 9.04 -1.90
CA LYS A 219 18.96 9.91 -2.38
C LYS A 219 18.97 10.05 -3.91
N TYR A 220 18.85 8.93 -4.66
CA TYR A 220 19.00 8.96 -6.11
C TYR A 220 17.80 8.72 -6.97
N ALA A 221 16.80 7.97 -6.52
CA ALA A 221 15.75 7.60 -7.47
C ALA A 221 14.32 8.02 -7.08
N TYR A 222 14.04 8.23 -5.79
CA TYR A 222 12.70 8.61 -5.31
C TYR A 222 12.25 9.92 -5.95
N LYS A 223 11.06 9.87 -6.57
CA LYS A 223 10.51 10.99 -7.33
C LYS A 223 9.49 11.83 -6.56
N GLY A 224 8.99 11.32 -5.44
CA GLY A 224 7.96 12.02 -4.66
C GLY A 224 8.45 13.18 -3.83
N ASP A 225 7.55 13.78 -3.05
CA ASP A 225 7.90 14.95 -2.24
C ASP A 225 7.54 14.84 -0.75
N ILE A 226 7.33 13.63 -0.18
CA ILE A 226 7.02 13.57 1.25
CA ILE A 226 6.99 13.48 1.24
C ILE A 226 8.08 12.75 2.02
N LEU A 227 8.64 11.67 1.43
CA LEU A 227 9.62 10.86 2.16
C LEU A 227 10.93 11.64 2.47
N LYS A 228 11.45 11.39 3.69
CA LYS A 228 12.62 12.04 4.34
C LYS A 228 12.29 13.47 4.78
PA FAD B . 2.23 -0.84 -12.47
O1A FAD B . 0.96 -1.19 -13.15
O2A FAD B . 2.57 -1.65 -11.23
O5B FAD B . 3.45 -1.02 -13.48
C5B FAD B . 4.80 -0.92 -13.00
C4B FAD B . 5.62 -0.55 -14.20
O4B FAD B . 5.56 -1.63 -15.16
C3B FAD B . 5.13 0.68 -14.96
O3B FAD B . 5.68 1.87 -14.41
C2B FAD B . 5.62 0.40 -16.38
O2B FAD B . 7.02 0.66 -16.48
C1B FAD B . 5.46 -1.11 -16.47
N9A FAD B . 4.19 -1.58 -17.05
C8A FAD B . 3.32 -2.47 -16.48
N7A FAD B . 2.39 -2.90 -17.30
C5A FAD B . 2.67 -2.24 -18.49
C6A FAD B . 2.07 -2.28 -19.76
N6A FAD B . 1.02 -3.05 -20.06
N1A FAD B . 2.59 -1.49 -20.73
C2A FAD B . 3.63 -0.71 -20.44
N3A FAD B . 4.30 -0.62 -19.29
C4A FAD B . 3.77 -1.41 -18.35
N1 FAD B . -5.50 6.23 -13.68
C2 FAD B . -6.63 6.46 -14.40
O2 FAD B . -7.17 5.56 -15.08
N3 FAD B . -7.25 7.72 -14.34
C4 FAD B . -6.78 8.80 -13.60
O4 FAD B . -7.44 9.84 -13.54
C4X FAD B . -5.57 8.55 -12.88
N5 FAD B . -5.06 9.54 -12.15
C5X FAD B . -3.96 9.26 -11.36
C6 FAD B . -3.42 10.26 -10.54
C7 FAD B . -2.32 10.03 -9.72
C7M FAD B . -1.81 11.14 -8.84
C8 FAD B . -1.72 8.73 -9.71
C8M FAD B . -0.54 8.40 -8.83
C9 FAD B . -2.26 7.74 -10.52
C9A FAD B . -3.37 7.98 -11.33
N10 FAD B . -3.94 6.96 -12.14
C10 FAD B . -5.02 7.22 -12.94
C1' FAD B . -3.38 5.60 -12.13
C2' FAD B . -2.14 5.46 -13.02
O2' FAD B . -2.49 5.74 -14.38
C3' FAD B . -1.49 4.08 -12.85
O3' FAD B . -2.43 3.09 -13.23
C4' FAD B . -0.94 3.73 -11.47
O4' FAD B . -0.26 4.87 -10.94
C5' FAD B . -0.02 2.53 -11.47
O5' FAD B . 1.22 3.02 -12.06
P FAD B . 2.08 2.05 -12.96
O1P FAD B . 3.42 2.68 -13.16
O2P FAD B . 1.41 1.73 -14.29
O3P FAD B . 2.25 0.71 -12.10
P UMC C . -10.52 7.88 -8.56
N1 UMC C . -6.57 6.50 -9.97
C2 UMC C . -5.50 6.17 -9.20
O2 UMC C . -4.99 5.06 -9.21
N3 UMC C . -4.98 7.17 -8.41
C4 UMC C . -5.44 8.46 -8.31
O4 UMC C . -4.91 9.27 -7.56
C5 UMC C . -6.61 8.84 -9.16
C6 UMC C . -7.15 7.83 -10.14
C1' UMC C . -7.26 5.36 -10.73
O1P UMC C . -12.02 7.90 -8.64
C2' UMC C . -8.07 4.43 -9.83
O2P UMC C . -9.91 9.12 -9.12
C3' UMC C . -9.32 4.13 -10.65
O3' UMC C . -9.05 3.06 -11.56
O3P UMC C . -10.01 7.55 -7.13
C4' UMC C . -9.51 5.41 -11.46
O4' UMC C . -8.18 5.91 -11.68
C5' UMC C . -10.38 6.49 -10.82
O5' UMC C . -9.96 6.68 -9.45
C1 EDO D . -14.37 7.04 -10.66
O1 EDO D . -14.21 6.59 -9.34
C2 EDO D . -15.78 6.69 -11.11
O2 EDO D . -15.89 7.07 -12.44
C1 EDO E . -2.92 9.26 -15.10
O1 EDO E . -1.70 8.62 -14.81
C2 EDO E . -3.44 8.83 -16.49
O2 EDO E . -4.53 9.68 -16.86
C1 EDO F . -27.34 19.88 4.78
O1 EDO F . -26.87 20.51 3.60
C2 EDO F . -26.87 20.68 6.02
O2 EDO F . -27.23 19.97 7.19
C1 EDO G . -4.18 14.17 -14.38
O1 EDO G . -4.33 14.77 -13.11
C2 EDO G . -4.45 12.65 -14.30
O2 EDO G . -3.48 12.06 -13.48
C1 EDO H . -22.73 -6.02 10.55
O1 EDO H . -21.76 -6.93 10.87
C2 EDO H . -23.81 -6.89 9.97
O2 EDO H . -25.06 -6.31 10.17
#